data_7OZY
#
_entry.id   7OZY
#
_cell.length_a   113.839
_cell.length_b   113.839
_cell.length_c   117.408
_cell.angle_alpha   90.000
_cell.angle_beta   90.000
_cell.angle_gamma   90.000
#
_symmetry.space_group_name_H-M   'P 43 21 2'
#
loop_
_entity.id
_entity.type
_entity.pdbx_description
1 polymer 'Fibroblast growth factor receptor 2'
2 non-polymer 4-[3-(4-piperazin-4-ium-1-ylphenyl)-1H-indazol-6-yl]phenol
3 non-polymer 'SULFATE ION'
4 non-polymer 1,2-ETHANEDIOL
5 water water
#
_entity_poly.entity_id   1
_entity_poly.type   'polypeptide(L)'
_entity_poly.pdbx_seq_one_letter_code
;GSHMEYELPEDPKWEFPRDKLTLGKPLGEGCFGQVVMAEAVGIDKDKPKEAVTVAVKMLKDDATEKDLSDLVSEMEMMKM
IGKHKNIINLLGACTQDGPLYVIVEYASKGNLREYLRARRPPGMEYSYDINRVPEEQMTFKDLVSCTYQLARGMEYLASQ
KCIHRDLAARNVLVTENNVMKIADFGLARDINNIDYYKKTTNGRLPVKWMAPEALFDRVYTHQSDVWSFGVLMWEIFTLG
GSPYPGIPVEELFKLLKEGHRMDKPANCTNELYMMMRDCWHAVPSQRPTFKQLVEDLDRILTL
;
_entity_poly.pdbx_strand_id   AAA,BBB
#
loop_
_chem_comp.id
_chem_comp.type
_chem_comp.name
_chem_comp.formula
47I non-polymer 4-[3-(4-piperazin-4-ium-1-ylphenyl)-1H-indazol-6-yl]phenol 'C23 H23 N4 O 1'
EDO non-polymer 1,2-ETHANEDIOL 'C2 H6 O2'
SO4 non-polymer 'SULFATE ION' 'O4 S -2'
#
# COMPACT_ATOMS: atom_id res chain seq x y z
N GLU A 7 -6.78 0.03 24.83
CA GLU A 7 -6.56 -1.18 23.98
C GLU A 7 -5.12 -1.70 24.17
N LEU A 8 -4.11 -0.86 23.93
CA LEU A 8 -2.67 -1.25 23.96
C LEU A 8 -2.16 -1.25 25.41
N PRO A 9 -1.65 -2.40 25.92
CA PRO A 9 -1.04 -2.44 27.26
C PRO A 9 0.03 -1.38 27.53
N GLU A 10 0.47 -1.26 28.79
CA GLU A 10 1.55 -0.35 29.24
C GLU A 10 2.89 -1.06 29.03
N ASP A 11 3.93 -0.29 28.70
CA ASP A 11 5.35 -0.72 28.62
C ASP A 11 6.21 0.52 28.86
N PRO A 12 6.37 0.95 30.14
CA PRO A 12 6.92 2.28 30.42
C PRO A 12 8.43 2.43 30.17
N LYS A 13 9.18 1.33 30.03
CA LYS A 13 10.59 1.32 29.55
C LYS A 13 10.66 2.07 28.21
N TRP A 14 9.65 1.87 27.33
CA TRP A 14 9.60 2.42 25.95
C TRP A 14 8.70 3.66 25.85
N GLU A 15 7.80 3.88 26.82
CA GLU A 15 6.78 4.96 26.76
C GLU A 15 7.48 6.32 26.79
N PHE A 16 7.00 7.27 26.00
CA PHE A 16 7.61 8.62 25.85
C PHE A 16 6.53 9.70 25.86
N PRO A 17 6.64 10.72 26.73
CA PRO A 17 5.60 11.75 26.87
C PRO A 17 5.29 12.55 25.59
N ARG A 18 3.98 12.73 25.33
CA ARG A 18 3.43 13.25 24.04
C ARG A 18 3.57 14.77 24.00
N ASP A 19 3.79 15.40 25.15
CA ASP A 19 3.89 16.88 25.33
C ASP A 19 5.28 17.36 24.86
N LYS A 20 6.26 16.45 24.84
CA LYS A 20 7.70 16.70 24.49
C LYS A 20 8.01 16.28 23.04
N LEU A 21 7.00 15.87 22.24
CA LEU A 21 7.15 15.49 20.81
C LEU A 21 6.48 16.55 19.92
N THR A 22 7.28 17.27 19.14
CA THR A 22 6.80 18.27 18.15
C THR A 22 6.96 17.67 16.74
N LEU A 23 5.83 17.33 16.12
CA LEU A 23 5.75 16.66 14.79
C LEU A 23 5.99 17.72 13.71
N GLY A 24 7.00 17.50 12.87
CA GLY A 24 7.36 18.40 11.76
C GLY A 24 6.91 17.85 10.41
N LYS A 25 7.74 17.99 9.39
CA LYS A 25 7.39 17.71 7.97
C LYS A 25 7.43 16.21 7.71
N PRO A 26 6.68 15.74 6.69
CA PRO A 26 6.71 14.33 6.29
C PRO A 26 8.04 13.93 5.63
N LEU A 27 8.49 12.70 5.91
CA LEU A 27 9.58 11.99 5.16
C LEU A 27 8.96 10.78 4.45
N GLY A 33 1.59 3.66 6.02
CA GLY A 33 1.58 4.75 7.01
C GLY A 33 2.40 5.96 6.56
N GLN A 34 2.41 7.01 7.39
CA GLN A 34 3.19 8.25 7.14
C GLN A 34 4.28 8.35 8.20
N VAL A 35 5.45 8.83 7.80
CA VAL A 35 6.60 9.10 8.70
C VAL A 35 6.86 10.62 8.67
N VAL A 36 7.04 11.23 9.84
CA VAL A 36 7.33 12.69 9.95
C VAL A 36 8.63 12.87 10.73
N MET A 37 9.36 13.93 10.38
CA MET A 37 10.44 14.54 11.19
C MET A 37 9.83 15.11 12.48
N ALA A 38 10.40 14.79 13.64
CA ALA A 38 9.95 15.27 14.96
C ALA A 38 11.16 15.69 15.79
N GLU A 39 10.93 16.56 16.79
CA GLU A 39 11.93 16.90 17.84
C GLU A 39 11.47 16.22 19.13
N ALA A 40 12.31 15.38 19.73
CA ALA A 40 11.98 14.61 20.96
C ALA A 40 12.86 15.09 22.11
N VAL A 41 12.33 15.99 22.96
CA VAL A 41 13.10 16.68 24.05
C VAL A 41 13.31 15.68 25.20
N GLY A 42 14.58 15.33 25.45
CA GLY A 42 15.01 14.43 26.54
C GLY A 42 14.93 12.95 26.18
N ILE A 43 14.78 12.63 24.88
CA ILE A 43 14.77 11.23 24.35
C ILE A 43 16.16 10.61 24.60
N ASP A 44 17.22 11.39 24.41
CA ASP A 44 18.60 11.00 24.79
C ASP A 44 18.68 11.11 26.32
N LYS A 45 19.08 10.02 27.00
CA LYS A 45 19.20 9.96 28.48
C LYS A 45 20.27 10.97 28.96
N ASP A 46 21.43 11.00 28.28
CA ASP A 46 22.65 11.74 28.71
C ASP A 46 22.59 13.24 28.37
N LYS A 47 21.50 13.76 27.79
CA LYS A 47 21.35 15.20 27.44
C LYS A 47 19.88 15.63 27.58
N PRO A 48 19.27 15.50 28.79
CA PRO A 48 17.82 15.51 28.94
C PRO A 48 17.07 16.85 28.78
N LYS A 49 17.70 17.86 28.18
CA LYS A 49 17.05 19.17 27.91
C LYS A 49 17.00 19.44 26.39
N GLU A 50 17.86 18.77 25.60
CA GLU A 50 18.10 19.08 24.17
C GLU A 50 17.03 18.40 23.30
N ALA A 51 16.67 19.06 22.20
CA ALA A 51 15.70 18.59 21.17
C ALA A 51 16.42 17.69 20.15
N VAL A 52 16.31 16.37 20.31
CA VAL A 52 16.89 15.35 19.37
C VAL A 52 15.93 15.16 18.19
N THR A 53 16.46 15.25 16.96
CA THR A 53 15.73 14.97 15.69
C THR A 53 15.53 13.46 15.55
N VAL A 54 14.27 13.04 15.38
CA VAL A 54 13.88 11.62 15.25
C VAL A 54 12.89 11.49 14.09
N ALA A 55 12.53 10.25 13.77
CA ALA A 55 11.48 9.91 12.78
C ALA A 55 10.31 9.32 13.54
N VAL A 56 9.09 9.71 13.19
CA VAL A 56 7.86 9.21 13.85
C VAL A 56 6.97 8.58 12.78
N LYS A 57 6.68 7.29 12.92
CA LYS A 57 5.68 6.58 12.07
C LYS A 57 4.34 6.52 12.81
N MET A 58 3.27 6.83 12.09
CA MET A 58 1.89 6.90 12.62
C MET A 58 0.93 6.43 11.53
N LEU A 59 -0.36 6.28 11.86
CA LEU A 59 -1.39 5.89 10.87
C LEU A 59 -1.86 7.16 10.14
N LYS A 60 -2.20 7.00 8.86
CA LYS A 60 -2.99 7.96 8.05
C LYS A 60 -4.45 7.94 8.52
N ASP A 61 -5.25 8.87 8.00
CA ASP A 61 -6.69 9.04 8.32
C ASP A 61 -7.51 7.92 7.66
N ASP A 62 -7.03 7.34 6.54
CA ASP A 62 -7.70 6.28 5.74
C ASP A 62 -7.15 4.88 6.11
N ALA A 63 -6.60 4.73 7.32
CA ALA A 63 -5.96 3.48 7.75
C ALA A 63 -7.01 2.40 7.97
N THR A 64 -6.55 1.16 7.83
CA THR A 64 -7.31 -0.11 7.97
C THR A 64 -6.96 -0.70 9.34
N GLU A 65 -7.73 -1.68 9.81
CA GLU A 65 -7.38 -2.54 10.98
C GLU A 65 -6.00 -3.17 10.79
N LYS A 66 -5.66 -3.59 9.57
CA LYS A 66 -4.38 -4.28 9.27
C LYS A 66 -3.22 -3.29 9.47
N ASP A 67 -3.41 -2.03 9.03
CA ASP A 67 -2.41 -0.95 9.20
C ASP A 67 -2.05 -0.83 10.69
N LEU A 68 -3.05 -0.90 11.59
CA LEU A 68 -2.82 -0.72 13.05
C LEU A 68 -2.07 -1.93 13.62
N SER A 69 -2.50 -3.17 13.33
CA SER A 69 -1.79 -4.40 13.81
C SER A 69 -0.40 -4.50 13.16
N ASP A 70 -0.23 -4.05 11.92
CA ASP A 70 1.12 -4.02 11.28
C ASP A 70 2.02 -3.10 12.12
N LEU A 71 1.55 -1.89 12.45
CA LEU A 71 2.36 -0.88 13.15
C LEU A 71 2.72 -1.39 14.54
N VAL A 72 1.74 -1.89 15.27
CA VAL A 72 1.94 -2.54 16.61
C VAL A 72 2.92 -3.71 16.46
N SER A 73 2.79 -4.53 15.42
CA SER A 73 3.70 -5.67 15.15
C SER A 73 5.14 -5.17 14.93
N GLU A 74 5.30 -4.06 14.21
CA GLU A 74 6.60 -3.44 13.85
C GLU A 74 7.31 -2.95 15.13
N MET A 75 6.64 -2.09 15.89
CA MET A 75 7.10 -1.63 17.22
C MET A 75 7.59 -2.83 18.04
N GLU A 76 6.76 -3.85 18.21
CA GLU A 76 7.08 -4.99 19.11
C GLU A 76 8.33 -5.69 18.58
N MET A 77 8.46 -5.79 17.26
CA MET A 77 9.65 -6.37 16.59
C MET A 77 10.89 -5.56 16.96
N MET A 78 10.83 -4.24 16.87
CA MET A 78 12.03 -3.39 17.10
C MET A 78 12.44 -3.38 18.58
N LYS A 79 11.56 -3.78 19.51
CA LYS A 79 11.90 -3.90 20.96
C LYS A 79 12.68 -5.18 21.18
N MET A 80 12.24 -6.27 20.53
CA MET A 80 12.84 -7.62 20.72
C MET A 80 14.19 -7.75 20.00
N ILE A 81 14.46 -6.99 18.92
CA ILE A 81 15.71 -7.21 18.11
C ILE A 81 16.91 -6.59 18.83
N GLY A 82 16.69 -5.51 19.59
CA GLY A 82 17.75 -4.82 20.36
C GLY A 82 18.42 -3.73 19.55
N LYS A 83 19.70 -3.46 19.87
CA LYS A 83 20.47 -2.29 19.39
C LYS A 83 21.56 -2.77 18.42
N HIS A 84 21.71 -2.10 17.27
CA HIS A 84 22.87 -2.30 16.36
C HIS A 84 23.12 -1.06 15.50
N LYS A 85 24.41 -0.78 15.29
CA LYS A 85 24.97 0.30 14.44
C LYS A 85 24.26 0.32 13.07
N ASN A 86 23.92 -0.85 12.51
CA ASN A 86 23.49 -0.97 11.09
C ASN A 86 22.00 -1.36 10.99
N ILE A 87 21.21 -1.03 12.02
CA ILE A 87 19.72 -1.08 11.95
C ILE A 87 19.19 0.22 12.55
N ILE A 88 18.11 0.76 11.98
CA ILE A 88 17.34 1.87 12.59
C ILE A 88 16.84 1.33 13.93
N ASN A 89 17.09 2.05 15.02
CA ASN A 89 16.77 1.56 16.39
C ASN A 89 15.53 2.28 16.91
N LEU A 90 14.68 1.54 17.62
CA LEU A 90 13.49 2.09 18.32
C LEU A 90 13.99 3.01 19.44
N LEU A 91 13.56 4.27 19.44
CA LEU A 91 13.95 5.29 20.44
C LEU A 91 12.87 5.41 21.52
N GLY A 92 11.59 5.52 21.12
CA GLY A 92 10.44 5.48 22.05
C GLY A 92 9.13 5.15 21.35
N ALA A 93 8.00 5.35 22.05
CA ALA A 93 6.62 5.11 21.53
C ALA A 93 5.57 5.79 22.41
N CYS A 94 4.61 6.49 21.80
CA CYS A 94 3.38 6.99 22.45
C CYS A 94 2.24 6.00 22.20
N THR A 95 1.99 5.08 23.15
CA THR A 95 1.00 3.97 23.03
C THR A 95 -0.35 4.39 23.65
N GLN A 96 -0.35 5.29 24.63
CA GLN A 96 -1.52 5.60 25.51
C GLN A 96 -2.17 6.94 25.14
N ASP A 97 -3.49 7.05 25.36
CA ASP A 97 -4.23 8.33 25.51
C ASP A 97 -4.21 9.11 24.19
N GLY A 98 -4.09 8.43 23.05
CA GLY A 98 -4.08 9.10 21.73
C GLY A 98 -3.44 8.21 20.66
N PRO A 99 -3.22 8.75 19.44
CA PRO A 99 -2.72 7.97 18.31
C PRO A 99 -1.37 7.27 18.59
N LEU A 100 -1.21 6.06 18.06
CA LEU A 100 0.05 5.28 18.16
C LEU A 100 1.12 6.01 17.37
N TYR A 101 2.22 6.41 18.05
CA TYR A 101 3.43 7.04 17.45
C TYR A 101 4.62 6.11 17.69
N VAL A 102 5.28 5.66 16.62
CA VAL A 102 6.51 4.82 16.74
C VAL A 102 7.70 5.70 16.32
N ILE A 103 8.61 5.93 17.28
CA ILE A 103 9.69 6.96 17.23
C ILE A 103 10.99 6.22 16.96
N VAL A 104 11.69 6.58 15.87
CA VAL A 104 12.96 5.90 15.46
C VAL A 104 14.02 6.92 15.04
N GLU A 105 15.27 6.45 14.91
CA GLU A 105 16.43 7.28 14.49
C GLU A 105 16.11 7.97 13.17
N TYR A 106 16.39 9.27 13.11
CA TYR A 106 16.44 10.13 11.89
C TYR A 106 17.74 9.81 11.15
N ALA A 107 17.68 9.54 9.85
CA ALA A 107 18.86 9.30 8.98
C ALA A 107 18.84 10.34 7.86
N SER A 108 19.64 11.40 8.03
CA SER A 108 19.50 12.69 7.28
C SER A 108 19.63 12.51 5.76
N LYS A 109 20.25 11.43 5.27
CA LYS A 109 20.52 11.32 3.81
C LYS A 109 19.54 10.37 3.13
N GLY A 110 18.57 9.82 3.87
CA GLY A 110 17.44 9.04 3.32
C GLY A 110 17.83 7.68 2.76
N ASN A 111 17.08 7.18 1.79
CA ASN A 111 17.12 5.75 1.38
C ASN A 111 18.32 5.53 0.46
N LEU A 112 18.87 4.31 0.50
CA LEU A 112 20.08 3.90 -0.25
C LEU A 112 19.85 4.04 -1.76
N ARG A 113 18.64 3.74 -2.24
CA ARG A 113 18.34 3.81 -3.69
C ARG A 113 18.62 5.22 -4.19
N GLU A 114 17.99 6.24 -3.59
CA GLU A 114 18.12 7.66 -4.02
C GLU A 114 19.54 8.16 -3.70
N TYR A 115 20.12 7.72 -2.59
CA TYR A 115 21.51 8.02 -2.18
C TYR A 115 22.48 7.63 -3.31
N LEU A 116 22.33 6.43 -3.87
CA LEU A 116 23.22 5.88 -4.93
C LEU A 116 22.94 6.58 -6.25
N ARG A 117 21.67 6.71 -6.62
CA ARG A 117 21.26 7.29 -7.93
C ARG A 117 21.79 8.73 -8.01
N ALA A 118 21.83 9.46 -6.88
CA ALA A 118 22.22 10.89 -6.81
C ALA A 118 23.73 11.07 -7.00
N ARG A 119 24.51 10.01 -6.75
CA ARG A 119 26.00 10.01 -6.81
C ARG A 119 26.49 9.30 -8.08
N ARG A 120 25.60 8.96 -9.01
CA ARG A 120 25.95 8.31 -10.29
C ARG A 120 26.82 9.24 -11.12
N PRO A 121 27.87 8.72 -11.79
CA PRO A 121 28.61 9.51 -12.75
C PRO A 121 27.66 9.95 -13.86
N PRO A 122 28.03 11.01 -14.62
CA PRO A 122 27.21 11.46 -15.75
C PRO A 122 27.25 10.48 -16.94
N GLY A 123 26.17 10.48 -17.73
CA GLY A 123 26.10 9.77 -19.02
C GLY A 123 25.52 8.37 -18.92
N MET A 124 25.06 7.96 -17.74
CA MET A 124 24.46 6.61 -17.53
C MET A 124 23.04 6.58 -18.13
N GLU A 125 22.31 7.69 -18.12
CA GLU A 125 20.89 7.82 -18.60
C GLU A 125 20.85 8.13 -20.11
N GLU A 136 29.54 14.30 -5.11
CA GLU A 136 30.33 13.16 -4.58
C GLU A 136 29.96 11.89 -5.36
N GLN A 137 30.93 11.23 -6.00
CA GLN A 137 30.80 9.90 -6.67
C GLN A 137 31.35 8.84 -5.72
N MET A 138 31.08 7.57 -6.03
CA MET A 138 31.43 6.42 -5.16
C MET A 138 32.45 5.50 -5.81
N THR A 139 33.42 5.08 -5.00
CA THR A 139 34.49 4.10 -5.34
C THR A 139 33.95 2.68 -5.17
N PHE A 140 34.54 1.73 -5.89
CA PHE A 140 34.40 0.28 -5.65
C PHE A 140 34.36 -0.02 -4.13
N LYS A 141 35.36 0.45 -3.39
CA LYS A 141 35.52 0.20 -1.92
C LYS A 141 34.32 0.78 -1.16
N ASP A 142 33.83 1.95 -1.53
CA ASP A 142 32.61 2.55 -0.93
C ASP A 142 31.44 1.58 -1.11
N LEU A 143 31.27 0.99 -2.30
CA LEU A 143 30.14 0.08 -2.60
C LEU A 143 30.34 -1.22 -1.82
N VAL A 144 31.58 -1.71 -1.74
CA VAL A 144 31.90 -2.94 -0.95
C VAL A 144 31.63 -2.67 0.54
N SER A 145 31.98 -1.49 1.03
CA SER A 145 31.83 -1.07 2.45
C SER A 145 30.33 -0.99 2.80
N CYS A 146 29.54 -0.45 1.90
N CYS A 146 29.51 -0.44 1.91
CA CYS A 146 28.07 -0.33 2.01
CA CYS A 146 28.04 -0.34 2.06
C CYS A 146 27.44 -1.73 2.18
C CYS A 146 27.46 -1.76 2.22
N THR A 147 27.80 -2.65 1.29
CA THR A 147 27.38 -4.07 1.30
C THR A 147 27.77 -4.75 2.62
N TYR A 148 29.00 -4.52 3.09
CA TYR A 148 29.61 -5.09 4.32
C TYR A 148 28.88 -4.58 5.56
N GLN A 149 28.56 -3.30 5.61
CA GLN A 149 27.76 -2.72 6.71
C GLN A 149 26.44 -3.48 6.80
N LEU A 150 25.79 -3.65 5.64
CA LEU A 150 24.46 -4.29 5.54
C LEU A 150 24.57 -5.77 5.89
N ALA A 151 25.66 -6.46 5.54
CA ALA A 151 25.82 -7.89 5.85
C ALA A 151 25.94 -8.04 7.38
N ARG A 152 26.61 -7.09 8.03
CA ARG A 152 26.79 -7.09 9.51
C ARG A 152 25.43 -6.87 10.19
N GLY A 153 24.63 -5.94 9.68
CA GLY A 153 23.25 -5.71 10.12
C GLY A 153 22.41 -6.98 10.05
N MET A 154 22.55 -7.76 8.97
CA MET A 154 21.72 -8.97 8.75
C MET A 154 22.26 -10.14 9.56
N GLU A 155 23.58 -10.20 9.77
CA GLU A 155 24.20 -11.19 10.68
C GLU A 155 23.65 -10.97 12.09
N TYR A 156 23.49 -9.74 12.53
CA TYR A 156 22.91 -9.44 13.87
C TYR A 156 21.44 -9.85 13.86
N LEU A 157 20.66 -9.39 12.88
CA LEU A 157 19.21 -9.68 12.84
C LEU A 157 18.99 -11.19 12.89
N ALA A 158 19.69 -11.96 12.05
CA ALA A 158 19.61 -13.44 11.99
C ALA A 158 19.90 -14.05 13.37
N SER A 159 20.94 -13.55 14.05
CA SER A 159 21.39 -14.02 15.39
C SER A 159 20.32 -13.71 16.45
N GLN A 160 19.48 -12.69 16.21
CA GLN A 160 18.34 -12.32 17.09
C GLN A 160 17.06 -13.04 16.63
N LYS A 161 17.17 -14.08 15.80
CA LYS A 161 16.02 -14.92 15.40
C LYS A 161 15.05 -14.11 14.52
N CYS A 162 15.52 -13.02 13.91
CA CYS A 162 14.68 -12.12 13.10
C CYS A 162 14.91 -12.36 11.60
N ILE A 163 13.83 -12.63 10.86
CA ILE A 163 13.78 -12.58 9.37
C ILE A 163 13.08 -11.28 8.94
N HIS A 164 13.73 -10.50 8.07
CA HIS A 164 13.32 -9.12 7.70
C HIS A 164 12.17 -9.21 6.69
N ARG A 165 12.39 -10.00 5.64
CA ARG A 165 11.43 -10.31 4.55
C ARG A 165 11.26 -9.15 3.56
N ASP A 166 11.93 -8.02 3.73
CA ASP A 166 11.74 -6.88 2.79
C ASP A 166 13.09 -6.17 2.57
N LEU A 167 14.20 -6.91 2.54
CA LEU A 167 15.51 -6.33 2.16
C LEU A 167 15.38 -5.73 0.75
N ALA A 168 15.64 -4.44 0.61
CA ALA A 168 15.80 -3.74 -0.67
C ALA A 168 16.51 -2.40 -0.42
N ALA A 169 17.08 -1.79 -1.45
CA ALA A 169 17.76 -0.49 -1.32
C ALA A 169 16.78 0.54 -0.72
N ARG A 170 15.49 0.46 -1.02
CA ARG A 170 14.54 1.54 -0.61
C ARG A 170 14.30 1.42 0.89
N ASN A 171 14.66 0.29 1.50
CA ASN A 171 14.43 0.01 2.95
C ASN A 171 15.75 0.03 3.72
N VAL A 172 16.76 0.66 3.15
CA VAL A 172 18.04 0.98 3.83
C VAL A 172 18.08 2.50 3.92
N LEU A 173 18.39 3.04 5.09
CA LEU A 173 18.53 4.50 5.30
C LEU A 173 20.00 4.80 5.60
N VAL A 174 20.45 5.97 5.18
CA VAL A 174 21.86 6.43 5.34
C VAL A 174 21.83 7.64 6.28
N THR A 175 22.56 7.57 7.39
CA THR A 175 22.80 8.68 8.36
C THR A 175 23.73 9.75 7.76
N GLU A 176 23.81 10.89 8.44
CA GLU A 176 24.69 12.05 8.12
C GLU A 176 26.15 11.59 7.89
N ASN A 177 26.60 10.61 8.68
CA ASN A 177 27.98 10.05 8.65
C ASN A 177 28.07 8.84 7.70
N ASN A 178 27.11 8.66 6.79
CA ASN A 178 27.12 7.62 5.73
C ASN A 178 27.04 6.21 6.33
N VAL A 179 26.47 6.05 7.53
CA VAL A 179 26.23 4.71 8.14
C VAL A 179 24.95 4.12 7.52
N MET A 180 25.03 2.85 7.08
CA MET A 180 23.95 2.08 6.40
C MET A 180 23.06 1.47 7.48
N LYS A 181 21.77 1.77 7.45
CA LYS A 181 20.81 1.30 8.48
C LYS A 181 19.67 0.53 7.80
N ILE A 182 19.56 -0.76 8.14
CA ILE A 182 18.38 -1.58 7.75
C ILE A 182 17.16 -0.92 8.39
N ALA A 183 16.12 -0.65 7.60
CA ALA A 183 14.87 -0.01 8.03
C ALA A 183 13.66 -0.84 7.59
N ASP A 184 12.47 -0.34 7.92
CA ASP A 184 11.11 -0.88 7.60
C ASP A 184 10.97 -2.34 8.08
N PHE A 185 10.82 -2.51 9.39
CA PHE A 185 10.55 -3.82 10.07
C PHE A 185 9.06 -4.18 10.04
N GLY A 186 8.25 -3.51 9.19
CA GLY A 186 6.80 -3.76 9.05
C GLY A 186 6.44 -5.21 8.80
N LEU A 187 7.26 -5.91 7.98
CA LEU A 187 7.03 -7.30 7.52
C LEU A 187 7.93 -8.29 8.28
N ALA A 188 8.80 -7.80 9.16
CA ALA A 188 9.76 -8.62 9.91
C ALA A 188 8.99 -9.56 10.87
N ARG A 189 9.45 -10.80 11.02
CA ARG A 189 8.86 -11.80 11.93
C ARG A 189 9.97 -12.46 12.74
N ASP A 190 9.61 -13.12 13.82
CA ASP A 190 10.42 -14.19 14.46
C ASP A 190 10.56 -15.37 13.48
N ILE A 191 11.69 -16.07 13.47
CA ILE A 191 11.96 -17.20 12.53
C ILE A 191 10.81 -18.22 12.60
N ASN A 192 10.28 -18.47 13.81
CA ASN A 192 9.29 -19.55 14.11
C ASN A 192 7.85 -19.09 13.86
N ASN A 193 7.66 -17.94 13.22
CA ASN A 193 6.33 -17.28 13.04
C ASN A 193 6.05 -17.05 11.55
N ILE A 194 6.43 -18.02 10.72
CA ILE A 194 5.98 -18.12 9.30
C ILE A 194 4.96 -19.25 9.20
N ASP A 195 3.78 -18.93 8.66
CA ASP A 195 2.62 -19.87 8.59
C ASP A 195 2.71 -20.64 7.28
N TYR A 196 3.14 -21.90 7.35
CA TYR A 196 3.23 -22.86 6.20
C TYR A 196 1.81 -23.23 5.71
N TYR A 197 0.80 -23.04 6.56
CA TYR A 197 -0.59 -23.58 6.40
C TYR A 197 -1.58 -22.50 5.95
N LYS A 198 -1.08 -21.33 5.53
CA LYS A 198 -1.88 -20.24 4.89
C LYS A 198 -1.41 -20.05 3.45
N LYS A 199 -2.33 -19.79 2.52
CA LYS A 199 -2.03 -19.47 1.10
C LYS A 199 -1.41 -18.06 1.04
N THR A 200 -1.84 -17.17 1.93
CA THR A 200 -1.50 -15.72 1.92
C THR A 200 -0.09 -15.46 2.48
N THR A 201 0.56 -16.47 3.07
CA THR A 201 1.92 -16.32 3.66
C THR A 201 2.89 -15.86 2.57
N ASN A 202 3.68 -14.81 2.85
CA ASN A 202 4.69 -14.22 1.93
C ASN A 202 4.00 -13.48 0.77
N GLY A 203 2.70 -13.17 0.91
CA GLY A 203 1.91 -12.55 -0.18
C GLY A 203 2.18 -11.06 -0.30
N ARG A 204 2.73 -10.44 0.75
CA ARG A 204 2.94 -8.96 0.78
C ARG A 204 4.43 -8.65 0.65
N LEU A 205 5.26 -9.59 0.17
CA LEU A 205 6.71 -9.35 -0.13
C LEU A 205 6.89 -8.99 -1.60
N PRO A 206 7.58 -7.88 -1.91
CA PRO A 206 7.90 -7.53 -3.30
C PRO A 206 8.61 -8.67 -4.05
N VAL A 207 8.00 -9.17 -5.14
CA VAL A 207 8.38 -10.49 -5.74
C VAL A 207 9.82 -10.43 -6.29
N LYS A 208 10.27 -9.27 -6.79
CA LYS A 208 11.61 -9.10 -7.42
C LYS A 208 12.73 -9.21 -6.38
N TRP A 209 12.40 -9.25 -5.10
CA TRP A 209 13.39 -9.39 -4.00
C TRP A 209 13.25 -10.74 -3.27
N MET A 210 12.26 -11.56 -3.64
CA MET A 210 11.84 -12.79 -2.89
C MET A 210 12.60 -14.02 -3.41
N ALA A 211 13.08 -14.86 -2.50
CA ALA A 211 13.57 -16.23 -2.79
C ALA A 211 12.41 -17.07 -3.33
N PRO A 212 12.66 -17.90 -4.35
CA PRO A 212 11.61 -18.76 -4.91
C PRO A 212 10.90 -19.61 -3.84
N GLU A 213 11.59 -20.15 -2.84
CA GLU A 213 10.94 -21.00 -1.83
C GLU A 213 9.90 -20.15 -1.08
N ALA A 214 10.17 -18.88 -0.87
CA ALA A 214 9.20 -17.92 -0.28
C ALA A 214 8.02 -17.72 -1.25
N LEU A 215 8.27 -17.62 -2.56
CA LEU A 215 7.24 -17.34 -3.61
C LEU A 215 6.24 -18.50 -3.65
N PHE A 216 6.72 -19.74 -3.47
CA PHE A 216 6.04 -20.99 -3.90
C PHE A 216 5.63 -21.85 -2.70
N ASP A 217 6.60 -22.24 -1.86
CA ASP A 217 6.48 -23.28 -0.81
C ASP A 217 6.00 -22.68 0.51
N ARG A 218 5.83 -21.37 0.58
CA ARG A 218 5.28 -20.69 1.78
C ARG A 218 6.22 -20.88 2.96
N VAL A 219 7.54 -20.92 2.72
CA VAL A 219 8.58 -20.92 3.79
C VAL A 219 9.34 -19.59 3.74
N TYR A 220 10.03 -19.28 4.84
CA TYR A 220 10.95 -18.14 4.93
C TYR A 220 11.95 -18.40 6.06
N THR A 221 13.22 -18.59 5.69
CA THR A 221 14.36 -18.73 6.62
C THR A 221 15.34 -17.59 6.36
N HIS A 222 16.36 -17.48 7.21
CA HIS A 222 17.51 -16.56 7.07
C HIS A 222 18.07 -16.68 5.65
N GLN A 223 18.03 -17.88 5.09
CA GLN A 223 18.56 -18.18 3.72
C GLN A 223 17.65 -17.55 2.64
N SER A 224 16.38 -17.30 2.97
CA SER A 224 15.46 -16.48 2.13
C SER A 224 15.95 -15.03 2.11
N ASP A 225 16.33 -14.51 3.28
CA ASP A 225 16.89 -13.13 3.42
C ASP A 225 18.22 -13.05 2.65
N VAL A 226 19.06 -14.09 2.67
CA VAL A 226 20.36 -14.13 1.90
C VAL A 226 20.08 -13.89 0.41
N TRP A 227 19.06 -14.54 -0.17
CA TRP A 227 18.63 -14.33 -1.57
C TRP A 227 18.36 -12.83 -1.77
N SER A 228 17.50 -12.25 -0.92
CA SER A 228 17.10 -10.82 -1.00
C SER A 228 18.38 -9.97 -0.97
N PHE A 229 19.31 -10.31 -0.08
CA PHE A 229 20.55 -9.54 0.13
C PHE A 229 21.38 -9.54 -1.17
N GLY A 230 21.32 -10.64 -1.92
CA GLY A 230 21.92 -10.73 -3.27
C GLY A 230 21.30 -9.70 -4.18
N VAL A 231 19.99 -9.51 -4.09
CA VAL A 231 19.27 -8.54 -4.95
C VAL A 231 19.69 -7.12 -4.55
N LEU A 232 19.76 -6.88 -3.25
CA LEU A 232 20.26 -5.61 -2.66
C LEU A 232 21.68 -5.33 -3.18
N MET A 233 22.57 -6.32 -3.20
CA MET A 233 23.94 -6.21 -3.75
C MET A 233 23.88 -5.73 -5.21
N TRP A 234 23.09 -6.39 -6.06
CA TRP A 234 22.91 -6.00 -7.48
C TRP A 234 22.42 -4.54 -7.53
N GLU A 235 21.48 -4.13 -6.65
CA GLU A 235 21.04 -2.72 -6.57
C GLU A 235 22.23 -1.80 -6.19
N ILE A 236 23.03 -2.20 -5.20
CA ILE A 236 24.20 -1.39 -4.75
C ILE A 236 25.18 -1.22 -5.93
N PHE A 237 25.57 -2.30 -6.60
CA PHE A 237 26.68 -2.27 -7.59
C PHE A 237 26.25 -1.64 -8.92
N THR A 238 24.95 -1.57 -9.22
CA THR A 238 24.38 -0.85 -10.39
C THR A 238 24.07 0.61 -10.04
N LEU A 239 24.39 1.05 -8.82
CA LEU A 239 24.19 2.44 -8.36
C LEU A 239 22.69 2.75 -8.37
N GLY A 240 21.91 1.85 -7.81
CA GLY A 240 20.48 2.06 -7.56
C GLY A 240 19.64 1.68 -8.76
N GLY A 241 20.07 0.69 -9.55
CA GLY A 241 19.30 0.17 -10.70
C GLY A 241 18.12 -0.69 -10.21
N SER A 242 17.09 -0.84 -11.03
CA SER A 242 15.87 -1.64 -10.77
C SER A 242 16.12 -3.11 -11.13
N PRO A 243 15.87 -4.08 -10.23
CA PRO A 243 16.12 -5.48 -10.54
C PRO A 243 15.24 -5.97 -11.70
N TYR A 244 15.73 -7.02 -12.37
CA TYR A 244 15.15 -7.61 -13.62
C TYR A 244 14.65 -6.48 -14.51
N PRO A 245 15.54 -5.65 -15.10
CA PRO A 245 15.12 -4.53 -15.93
C PRO A 245 14.36 -5.05 -17.17
N GLY A 246 13.20 -4.45 -17.46
CA GLY A 246 12.35 -4.78 -18.63
C GLY A 246 11.49 -6.02 -18.38
N ILE A 247 11.66 -6.72 -17.25
CA ILE A 247 10.93 -7.99 -16.98
C ILE A 247 9.77 -7.68 -16.04
N PRO A 248 8.51 -7.87 -16.48
CA PRO A 248 7.37 -7.63 -15.60
C PRO A 248 7.34 -8.67 -14.46
N VAL A 249 6.86 -8.28 -13.30
CA VAL A 249 6.78 -9.21 -12.13
C VAL A 249 5.95 -10.42 -12.55
N GLU A 250 4.97 -10.25 -13.46
CA GLU A 250 4.05 -11.32 -13.93
C GLU A 250 4.85 -12.46 -14.57
N GLU A 251 5.94 -12.14 -15.27
CA GLU A 251 6.78 -13.14 -15.99
C GLU A 251 7.96 -13.62 -15.14
N LEU A 252 8.22 -13.05 -13.97
CA LEU A 252 9.49 -13.31 -13.25
C LEU A 252 9.49 -14.75 -12.70
N PHE A 253 8.36 -15.15 -12.08
CA PHE A 253 8.10 -16.50 -11.50
C PHE A 253 8.67 -17.60 -12.41
N LYS A 254 8.22 -17.60 -13.68
CA LYS A 254 8.60 -18.59 -14.71
C LYS A 254 10.10 -18.49 -15.01
N LEU A 255 10.62 -17.28 -15.23
CA LEU A 255 12.04 -17.08 -15.65
C LEU A 255 12.96 -17.61 -14.53
N LEU A 256 12.55 -17.46 -13.27
CA LEU A 256 13.38 -17.92 -12.12
C LEU A 256 13.44 -19.45 -12.08
N LYS A 257 12.32 -20.17 -12.17
CA LYS A 257 12.28 -21.65 -12.11
C LYS A 257 13.03 -22.24 -13.31
N GLU A 258 13.04 -21.54 -14.46
CA GLU A 258 13.91 -21.82 -15.63
C GLU A 258 15.38 -21.47 -15.33
N GLY A 259 15.68 -20.81 -14.19
CA GLY A 259 17.05 -20.57 -13.70
C GLY A 259 17.66 -19.24 -14.18
N HIS A 260 16.86 -18.32 -14.71
CA HIS A 260 17.28 -16.94 -15.02
C HIS A 260 17.92 -16.31 -13.78
N ARG A 261 19.02 -15.60 -14.00
CA ARG A 261 19.68 -14.78 -12.98
C ARG A 261 20.09 -13.49 -13.66
N MET A 262 20.08 -12.38 -12.93
CA MET A 262 20.60 -11.08 -13.43
C MET A 262 22.08 -11.21 -13.82
N ASP A 263 22.47 -10.44 -14.83
CA ASP A 263 23.86 -10.34 -15.34
C ASP A 263 24.65 -9.35 -14.50
N LYS A 264 25.96 -9.31 -14.71
CA LYS A 264 26.90 -8.55 -13.86
C LYS A 264 26.70 -7.04 -14.02
N PRO A 265 26.61 -6.28 -12.92
CA PRO A 265 26.65 -4.82 -12.99
C PRO A 265 27.98 -4.25 -13.51
N ALA A 266 27.94 -3.00 -13.99
CA ALA A 266 28.90 -2.36 -14.92
C ALA A 266 30.35 -2.46 -14.43
N ASN A 267 30.69 -1.83 -13.31
CA ASN A 267 32.11 -1.70 -12.90
C ASN A 267 32.40 -2.73 -11.80
N CYS A 268 31.50 -3.71 -11.65
CA CYS A 268 31.47 -4.73 -10.58
C CYS A 268 32.48 -5.84 -10.90
N THR A 269 33.31 -6.23 -9.95
CA THR A 269 34.27 -7.33 -10.16
C THR A 269 33.50 -8.64 -10.31
N ASN A 270 34.10 -9.60 -11.02
CA ASN A 270 33.65 -10.99 -11.16
C ASN A 270 33.37 -11.56 -9.76
N GLU A 271 34.23 -11.27 -8.80
CA GLU A 271 34.17 -11.82 -7.42
C GLU A 271 32.84 -11.45 -6.75
N LEU A 272 32.46 -10.18 -6.74
CA LEU A 272 31.24 -9.73 -6.03
C LEU A 272 30.01 -10.20 -6.81
N TYR A 273 30.16 -10.38 -8.12
CA TYR A 273 29.09 -10.98 -8.95
C TYR A 273 28.91 -12.44 -8.55
N MET A 274 30.00 -13.19 -8.33
CA MET A 274 29.98 -14.61 -7.86
C MET A 274 29.23 -14.69 -6.54
N MET A 275 29.54 -13.78 -5.63
CA MET A 275 28.86 -13.61 -4.34
C MET A 275 27.35 -13.45 -4.58
N MET A 276 26.91 -12.50 -5.41
CA MET A 276 25.45 -12.35 -5.74
C MET A 276 24.89 -13.68 -6.22
N ARG A 277 25.57 -14.31 -7.17
CA ARG A 277 25.13 -15.58 -7.79
C ARG A 277 25.00 -16.69 -6.72
N ASP A 278 25.88 -16.71 -5.72
CA ASP A 278 25.86 -17.76 -4.65
C ASP A 278 24.65 -17.56 -3.73
N CYS A 279 24.27 -16.29 -3.52
CA CYS A 279 23.06 -15.88 -2.77
C CYS A 279 21.82 -16.38 -3.51
N TRP A 280 21.91 -16.57 -4.83
CA TRP A 280 20.75 -16.95 -5.69
C TRP A 280 20.79 -18.43 -6.07
N HIS A 281 21.48 -19.26 -5.30
CA HIS A 281 21.40 -20.74 -5.44
C HIS A 281 19.94 -21.20 -5.23
N ALA A 282 19.49 -22.16 -6.03
CA ALA A 282 18.13 -22.73 -5.99
C ALA A 282 17.86 -23.34 -4.61
N VAL A 283 18.88 -23.96 -3.99
CA VAL A 283 18.79 -24.67 -2.70
C VAL A 283 19.20 -23.73 -1.57
N PRO A 284 18.26 -23.34 -0.69
CA PRO A 284 18.53 -22.42 0.41
C PRO A 284 19.76 -22.73 1.29
N SER A 285 19.99 -24.01 1.62
CA SER A 285 21.08 -24.45 2.54
C SER A 285 22.45 -24.42 1.83
N GLN A 286 22.49 -24.37 0.50
CA GLN A 286 23.76 -24.25 -0.28
C GLN A 286 24.13 -22.76 -0.48
N ARG A 287 23.22 -21.81 -0.24
CA ARG A 287 23.53 -20.37 -0.18
C ARG A 287 24.40 -20.07 1.04
N PRO A 288 25.25 -19.03 0.98
CA PRO A 288 26.08 -18.70 2.12
C PRO A 288 25.19 -18.10 3.22
N THR A 289 25.65 -18.20 4.46
CA THR A 289 25.05 -17.51 5.62
C THR A 289 25.57 -16.08 5.59
N PHE A 290 24.90 -15.19 6.32
CA PHE A 290 25.34 -13.79 6.50
C PHE A 290 26.72 -13.78 7.16
N LYS A 291 26.98 -14.72 8.07
CA LYS A 291 28.30 -14.82 8.76
C LYS A 291 29.39 -15.03 7.70
N GLN A 292 29.16 -15.91 6.73
CA GLN A 292 30.12 -16.19 5.62
C GLN A 292 30.26 -14.95 4.72
N LEU A 293 29.18 -14.19 4.47
CA LEU A 293 29.20 -12.98 3.61
C LEU A 293 30.01 -11.89 4.30
N VAL A 294 29.84 -11.78 5.60
CA VAL A 294 30.62 -10.86 6.46
C VAL A 294 32.11 -11.21 6.35
N GLU A 295 32.48 -12.46 6.63
CA GLU A 295 33.90 -12.91 6.55
C GLU A 295 34.48 -12.53 5.19
N ASP A 296 33.80 -12.91 4.09
CA ASP A 296 34.26 -12.73 2.70
C ASP A 296 34.36 -11.23 2.36
N LEU A 297 33.39 -10.42 2.78
CA LEU A 297 33.36 -8.98 2.44
C LEU A 297 34.46 -8.23 3.21
N ASP A 298 34.75 -8.64 4.45
CA ASP A 298 35.89 -8.11 5.23
C ASP A 298 37.19 -8.35 4.45
N ARG A 299 37.46 -9.58 3.99
CA ARG A 299 38.70 -9.89 3.22
C ARG A 299 38.79 -9.01 1.96
N ILE A 300 37.68 -8.78 1.25
CA ILE A 300 37.69 -7.92 0.02
C ILE A 300 37.88 -6.45 0.43
N LEU A 301 37.31 -6.02 1.55
CA LEU A 301 37.38 -4.60 1.99
C LEU A 301 38.77 -4.30 2.58
N THR A 302 39.46 -5.31 3.13
CA THR A 302 40.89 -5.24 3.58
C THR A 302 41.80 -5.91 2.54
N GLU B 7 0.32 -17.24 -17.53
CA GLU B 7 -0.44 -17.89 -16.42
C GLU B 7 -1.93 -17.54 -16.52
N LEU B 8 -2.27 -16.26 -16.73
CA LEU B 8 -3.68 -15.79 -16.85
C LEU B 8 -4.33 -16.44 -18.06
N PRO B 9 -5.54 -17.03 -17.92
CA PRO B 9 -6.22 -17.65 -19.06
C PRO B 9 -6.67 -16.55 -20.03
N GLU B 10 -6.75 -16.90 -21.32
CA GLU B 10 -7.24 -15.99 -22.38
C GLU B 10 -8.73 -15.74 -22.14
N ASP B 11 -9.16 -14.54 -22.45
CA ASP B 11 -10.58 -14.13 -22.48
C ASP B 11 -10.68 -13.16 -23.66
N PRO B 12 -10.64 -13.67 -24.90
CA PRO B 12 -10.53 -12.84 -26.10
C PRO B 12 -11.58 -11.73 -26.20
N LYS B 13 -12.79 -12.01 -25.71
CA LYS B 13 -13.91 -11.02 -25.55
C LYS B 13 -13.39 -9.69 -24.99
N TRP B 14 -12.50 -9.69 -24.00
CA TRP B 14 -12.00 -8.47 -23.29
C TRP B 14 -10.55 -8.13 -23.68
N GLU B 15 -9.86 -9.00 -24.43
CA GLU B 15 -8.43 -8.79 -24.79
C GLU B 15 -8.29 -7.61 -25.77
N PHE B 16 -7.44 -6.65 -25.43
CA PHE B 16 -7.09 -5.48 -26.29
C PHE B 16 -5.66 -5.65 -26.78
N PRO B 17 -5.38 -5.44 -28.09
CA PRO B 17 -4.04 -5.65 -28.65
C PRO B 17 -3.05 -4.62 -28.08
N ARG B 18 -1.85 -5.08 -27.71
CA ARG B 18 -0.79 -4.26 -27.04
C ARG B 18 -0.35 -3.14 -27.98
N ASP B 19 -0.27 -3.39 -29.29
CA ASP B 19 0.27 -2.40 -30.29
C ASP B 19 -0.70 -1.21 -30.42
N LYS B 20 -1.98 -1.38 -30.10
CA LYS B 20 -3.02 -0.32 -30.27
C LYS B 20 -3.10 0.59 -29.03
N LEU B 21 -2.26 0.34 -28.01
CA LEU B 21 -2.28 1.04 -26.71
C LEU B 21 -0.95 1.76 -26.51
N THR B 22 -0.99 3.08 -26.29
CA THR B 22 0.18 3.96 -26.05
C THR B 22 0.04 4.61 -24.66
N LEU B 23 0.90 4.20 -23.71
CA LEU B 23 0.84 4.62 -22.29
C LEU B 23 1.40 6.04 -22.17
N GLY B 24 0.89 6.82 -21.22
CA GLY B 24 1.22 8.24 -21.01
C GLY B 24 1.53 8.54 -19.55
N LYS B 25 1.00 9.68 -19.07
CA LYS B 25 1.35 10.30 -17.76
C LYS B 25 0.56 9.65 -16.64
N PRO B 26 1.14 9.53 -15.42
CA PRO B 26 0.39 9.02 -14.25
C PRO B 26 -0.93 9.77 -13.98
N LEU B 27 -1.82 9.16 -13.19
CA LEU B 27 -3.05 9.81 -12.64
C LEU B 27 -3.07 9.56 -11.12
N GLY B 28 -3.05 10.63 -10.32
CA GLY B 28 -2.92 10.56 -8.85
C GLY B 28 -1.56 10.00 -8.43
N GLU B 29 -1.51 9.36 -7.25
CA GLU B 29 -0.32 8.67 -6.69
C GLU B 29 -0.73 7.24 -6.26
N GLY B 30 0.16 6.27 -6.46
CA GLY B 30 -0.14 4.82 -6.30
C GLY B 30 -0.45 4.42 -4.87
N CYS B 31 -1.34 3.43 -4.69
CA CYS B 31 -1.57 2.65 -3.45
C CYS B 31 -0.86 1.29 -3.59
N PHE B 32 -1.45 0.35 -4.33
CA PHE B 32 -0.87 -0.98 -4.68
C PHE B 32 -0.82 -1.15 -6.21
N GLY B 33 -0.75 -0.03 -6.95
CA GLY B 33 -0.76 -0.04 -8.43
C GLY B 33 -0.54 1.35 -9.03
N GLN B 34 -0.02 1.38 -10.25
CA GLN B 34 0.13 2.59 -11.08
C GLN B 34 -1.10 2.69 -11.99
N VAL B 35 -1.74 3.86 -12.06
CA VAL B 35 -2.71 4.21 -13.13
C VAL B 35 -2.14 5.35 -13.97
N VAL B 36 -2.22 5.20 -15.29
CA VAL B 36 -1.72 6.19 -16.29
C VAL B 36 -2.84 6.42 -17.30
N MET B 37 -2.92 7.64 -17.81
CA MET B 37 -3.59 8.00 -19.09
C MET B 37 -2.95 7.21 -20.24
N ALA B 38 -3.72 6.91 -21.29
CA ALA B 38 -3.24 6.20 -22.49
C ALA B 38 -4.19 6.44 -23.68
N GLU B 39 -3.73 6.12 -24.90
CA GLU B 39 -4.54 6.18 -26.13
C GLU B 39 -4.75 4.75 -26.61
N ALA B 40 -6.01 4.32 -26.71
CA ALA B 40 -6.40 2.97 -27.20
C ALA B 40 -7.09 3.15 -28.56
N VAL B 41 -6.45 2.64 -29.63
CA VAL B 41 -6.93 2.73 -31.04
C VAL B 41 -7.87 1.55 -31.33
N GLY B 42 -9.15 1.85 -31.52
CA GLY B 42 -10.17 0.85 -31.90
C GLY B 42 -10.88 0.25 -30.70
N ILE B 43 -10.63 0.76 -29.48
CA ILE B 43 -11.26 0.21 -28.24
C ILE B 43 -12.77 0.44 -28.31
N ASP B 44 -13.22 1.45 -29.06
CA ASP B 44 -14.62 1.57 -29.55
C ASP B 44 -14.70 0.88 -30.91
N LYS B 45 -15.44 -0.23 -31.01
CA LYS B 45 -15.54 -1.09 -32.23
C LYS B 45 -16.25 -0.31 -33.35
N ASP B 46 -17.18 0.59 -33.00
CA ASP B 46 -17.99 1.40 -33.94
C ASP B 46 -17.11 2.47 -34.61
N LYS B 47 -16.13 3.02 -33.88
CA LYS B 47 -15.11 3.98 -34.39
C LYS B 47 -13.74 3.30 -34.39
N PRO B 48 -13.46 2.40 -35.37
CA PRO B 48 -12.27 1.55 -35.32
C PRO B 48 -10.90 2.18 -35.65
N LYS B 49 -10.88 3.44 -36.10
CA LYS B 49 -9.61 4.20 -36.38
C LYS B 49 -9.35 5.24 -35.26
N GLU B 50 -10.33 5.48 -34.37
CA GLU B 50 -10.35 6.58 -33.38
C GLU B 50 -9.54 6.19 -32.13
N ALA B 51 -8.57 7.03 -31.75
CA ALA B 51 -7.82 6.95 -30.48
C ALA B 51 -8.71 7.53 -29.37
N VAL B 52 -9.34 6.66 -28.58
CA VAL B 52 -10.08 7.08 -27.34
C VAL B 52 -9.05 7.21 -26.21
N THR B 53 -9.20 8.23 -25.38
CA THR B 53 -8.37 8.45 -24.17
C THR B 53 -8.89 7.54 -23.06
N VAL B 54 -8.00 6.73 -22.49
CA VAL B 54 -8.36 5.67 -21.51
C VAL B 54 -7.48 5.84 -20.27
N ALA B 55 -7.87 5.16 -19.20
CA ALA B 55 -7.09 5.03 -17.95
C ALA B 55 -6.62 3.57 -17.89
N VAL B 56 -5.35 3.33 -17.56
CA VAL B 56 -4.76 1.96 -17.54
C VAL B 56 -4.20 1.73 -16.15
N LYS B 57 -4.68 0.70 -15.45
CA LYS B 57 -4.10 0.27 -14.16
C LYS B 57 -3.14 -0.90 -14.37
N MET B 58 -1.97 -0.85 -13.72
CA MET B 58 -0.89 -1.84 -13.89
C MET B 58 -0.17 -2.05 -12.55
N LEU B 59 0.63 -3.10 -12.46
CA LEU B 59 1.50 -3.35 -11.28
C LEU B 59 2.68 -2.38 -11.29
N LYS B 60 3.17 -2.04 -10.10
CA LYS B 60 4.48 -1.38 -9.88
C LYS B 60 5.57 -2.43 -9.97
N ASP B 61 6.82 -2.00 -10.05
CA ASP B 61 8.03 -2.86 -10.17
C ASP B 61 8.26 -3.59 -8.84
N ASP B 62 7.71 -3.09 -7.74
CA ASP B 62 7.88 -3.65 -6.38
C ASP B 62 6.57 -4.33 -5.95
N ALA B 63 5.70 -4.68 -6.90
CA ALA B 63 4.40 -5.37 -6.65
C ALA B 63 4.63 -6.71 -5.94
N THR B 64 3.70 -7.04 -5.06
CA THR B 64 3.65 -8.30 -4.28
C THR B 64 2.75 -9.31 -5.01
N GLU B 65 2.76 -10.58 -4.58
CA GLU B 65 1.78 -11.60 -5.07
C GLU B 65 0.36 -11.06 -4.85
N LYS B 66 0.07 -10.50 -3.69
CA LYS B 66 -1.26 -9.97 -3.31
C LYS B 66 -1.66 -8.80 -4.23
N ASP B 67 -0.71 -7.97 -4.66
CA ASP B 67 -1.03 -6.84 -5.58
C ASP B 67 -1.54 -7.39 -6.90
N LEU B 68 -0.96 -8.51 -7.37
CA LEU B 68 -1.28 -9.11 -8.67
C LEU B 68 -2.63 -9.81 -8.54
N SER B 69 -2.85 -10.50 -7.41
CA SER B 69 -4.15 -11.11 -7.05
C SER B 69 -5.23 -10.03 -7.02
N ASP B 70 -4.92 -8.91 -6.37
CA ASP B 70 -5.86 -7.77 -6.26
C ASP B 70 -6.19 -7.26 -7.65
N LEU B 71 -5.23 -7.24 -8.59
CA LEU B 71 -5.47 -6.58 -9.90
C LEU B 71 -6.36 -7.49 -10.74
N VAL B 72 -6.07 -8.78 -10.72
CA VAL B 72 -6.89 -9.82 -11.41
C VAL B 72 -8.31 -9.78 -10.79
N SER B 73 -8.44 -9.87 -9.46
CA SER B 73 -9.76 -9.81 -8.77
C SER B 73 -10.56 -8.63 -9.32
N GLU B 74 -9.95 -7.44 -9.31
CA GLU B 74 -10.54 -6.16 -9.78
C GLU B 74 -11.05 -6.30 -11.22
N MET B 75 -10.18 -6.71 -12.15
CA MET B 75 -10.55 -6.98 -13.56
C MET B 75 -11.80 -7.88 -13.58
N GLU B 76 -11.73 -9.04 -12.95
CA GLU B 76 -12.79 -10.09 -12.95
C GLU B 76 -14.10 -9.51 -12.39
N MET B 77 -14.04 -8.74 -11.31
CA MET B 77 -15.20 -8.03 -10.72
C MET B 77 -15.84 -7.17 -11.80
N MET B 78 -15.05 -6.41 -12.56
CA MET B 78 -15.55 -5.36 -13.48
C MET B 78 -16.14 -6.01 -14.75
N LYS B 79 -15.64 -7.19 -15.12
CA LYS B 79 -16.22 -8.03 -16.21
C LYS B 79 -17.65 -8.50 -15.87
N MET B 80 -18.04 -8.59 -14.59
CA MET B 80 -19.26 -9.35 -14.22
C MET B 80 -20.35 -8.40 -13.71
N ILE B 81 -20.07 -7.10 -13.59
CA ILE B 81 -21.05 -6.13 -13.04
C ILE B 81 -21.94 -5.57 -14.17
N GLY B 82 -21.50 -5.58 -15.42
CA GLY B 82 -22.27 -5.02 -16.55
C GLY B 82 -22.20 -3.50 -16.55
N LYS B 83 -22.88 -2.83 -17.49
CA LYS B 83 -22.69 -1.39 -17.82
C LYS B 83 -23.71 -0.53 -17.07
N HIS B 84 -23.26 0.59 -16.50
CA HIS B 84 -24.13 1.59 -15.84
C HIS B 84 -23.49 2.98 -15.87
N LYS B 85 -24.30 3.99 -16.20
CA LYS B 85 -23.94 5.42 -16.32
C LYS B 85 -23.07 5.87 -15.12
N ASN B 86 -23.32 5.34 -13.92
CA ASN B 86 -22.78 5.87 -12.64
C ASN B 86 -21.75 4.93 -11.99
N ILE B 87 -21.17 4.01 -12.76
CA ILE B 87 -19.93 3.27 -12.36
C ILE B 87 -18.90 3.41 -13.49
N ILE B 88 -17.61 3.49 -13.12
CA ILE B 88 -16.46 3.31 -14.06
C ILE B 88 -16.66 1.97 -14.77
N ASN B 89 -16.64 1.98 -16.09
CA ASN B 89 -16.86 0.79 -16.96
C ASN B 89 -15.52 0.32 -17.55
N LEU B 90 -15.29 -0.99 -17.50
CA LEU B 90 -14.10 -1.67 -18.06
C LEU B 90 -14.21 -1.62 -19.59
N LEU B 91 -13.12 -1.29 -20.27
CA LEU B 91 -13.05 -1.23 -21.76
C LEU B 91 -12.24 -2.40 -22.31
N GLY B 92 -11.26 -2.90 -21.55
CA GLY B 92 -10.53 -4.12 -21.96
C GLY B 92 -9.31 -4.41 -21.09
N ALA B 93 -8.52 -5.38 -21.51
CA ALA B 93 -7.36 -5.89 -20.75
C ALA B 93 -6.27 -6.34 -21.72
N CYS B 94 -5.01 -6.09 -21.38
CA CYS B 94 -3.85 -6.85 -21.93
C CYS B 94 -3.39 -7.83 -20.83
N THR B 95 -3.62 -9.12 -21.06
CA THR B 95 -3.40 -10.21 -20.08
C THR B 95 -2.32 -11.17 -20.61
N GLN B 96 -2.08 -11.20 -21.93
CA GLN B 96 -1.17 -12.17 -22.60
C GLN B 96 0.14 -11.50 -23.03
N ASP B 97 1.24 -12.27 -22.94
CA ASP B 97 2.59 -11.95 -23.49
C ASP B 97 3.02 -10.55 -23.07
N GLY B 98 3.04 -10.27 -21.76
CA GLY B 98 3.45 -8.98 -21.19
C GLY B 98 2.78 -8.68 -19.85
N PRO B 99 3.00 -7.48 -19.29
CA PRO B 99 2.39 -7.11 -18.01
C PRO B 99 0.85 -7.02 -18.12
N LEU B 100 0.16 -7.23 -16.99
CA LEU B 100 -1.33 -7.14 -16.88
C LEU B 100 -1.73 -5.66 -16.93
N TYR B 101 -2.48 -5.25 -17.95
CA TYR B 101 -3.08 -3.90 -18.06
C TYR B 101 -4.60 -4.01 -17.98
N VAL B 102 -5.23 -3.19 -17.13
CA VAL B 102 -6.71 -3.07 -16.99
C VAL B 102 -7.14 -1.69 -17.52
N ILE B 103 -7.84 -1.66 -18.65
CA ILE B 103 -8.20 -0.42 -19.39
C ILE B 103 -9.62 -0.03 -18.96
N VAL B 104 -9.79 1.12 -18.31
CA VAL B 104 -11.11 1.60 -17.83
C VAL B 104 -11.36 3.04 -18.33
N GLU B 105 -12.63 3.47 -18.27
CA GLU B 105 -13.12 4.78 -18.72
C GLU B 105 -12.27 5.89 -18.10
N TYR B 106 -11.91 6.89 -18.92
CA TYR B 106 -11.25 8.16 -18.50
C TYR B 106 -12.36 9.11 -18.03
N ALA B 107 -12.11 9.80 -16.91
CA ALA B 107 -13.06 10.71 -16.23
C ALA B 107 -12.36 12.06 -15.98
N SER B 108 -12.53 13.00 -16.93
CA SER B 108 -11.71 14.23 -17.12
C SER B 108 -11.43 14.97 -15.80
N LYS B 109 -12.46 15.14 -14.96
CA LYS B 109 -12.45 16.03 -13.77
C LYS B 109 -11.92 15.29 -12.52
N GLY B 110 -11.45 14.05 -12.66
CA GLY B 110 -10.76 13.29 -11.59
C GLY B 110 -11.69 12.97 -10.41
N ASN B 111 -11.13 12.85 -9.21
CA ASN B 111 -11.85 12.23 -8.07
C ASN B 111 -12.76 13.28 -7.41
N LEU B 112 -13.94 12.84 -6.93
CA LEU B 112 -15.02 13.71 -6.42
C LEU B 112 -14.52 14.53 -5.23
N ARG B 113 -13.61 13.99 -4.42
CA ARG B 113 -13.10 14.66 -3.20
C ARG B 113 -12.61 16.07 -3.55
N GLU B 114 -11.63 16.17 -4.46
CA GLU B 114 -10.83 17.41 -4.71
C GLU B 114 -11.59 18.33 -5.68
N TYR B 115 -12.44 17.75 -6.53
CA TYR B 115 -13.50 18.44 -7.29
C TYR B 115 -14.34 19.34 -6.36
N LEU B 116 -14.68 18.85 -5.17
CA LEU B 116 -15.53 19.58 -4.19
C LEU B 116 -14.66 20.54 -3.36
N ARG B 117 -13.49 20.07 -2.88
CA ARG B 117 -12.47 20.92 -2.20
C ARG B 117 -12.28 22.24 -2.95
N ALA B 118 -12.09 22.16 -4.27
CA ALA B 118 -11.69 23.27 -5.17
C ALA B 118 -12.90 24.13 -5.59
N ARG B 119 -14.10 23.82 -5.11
CA ARG B 119 -15.36 24.53 -5.48
C ARG B 119 -16.08 25.02 -4.21
N ARG B 120 -15.32 25.15 -3.11
CA ARG B 120 -15.77 25.81 -1.85
C ARG B 120 -15.85 27.33 -2.09
N PRO B 121 -16.76 28.08 -1.42
CA PRO B 121 -16.87 29.53 -1.62
C PRO B 121 -15.51 30.25 -1.56
N PHE B 140 -26.37 23.63 -4.06
CA PHE B 140 -26.94 22.63 -3.12
C PHE B 140 -27.67 21.52 -3.91
N LYS B 141 -28.53 21.91 -4.86
CA LYS B 141 -29.25 21.01 -5.79
C LYS B 141 -28.26 20.04 -6.48
N ASP B 142 -27.07 20.53 -6.83
CA ASP B 142 -26.04 19.75 -7.58
C ASP B 142 -25.44 18.68 -6.66
N LEU B 143 -25.33 18.94 -5.35
CA LEU B 143 -24.87 17.97 -4.32
C LEU B 143 -25.92 16.86 -4.15
N VAL B 144 -27.20 17.21 -4.14
CA VAL B 144 -28.32 16.20 -4.09
C VAL B 144 -28.31 15.41 -5.40
N SER B 145 -28.01 16.04 -6.55
CA SER B 145 -27.85 15.34 -7.85
C SER B 145 -26.62 14.42 -7.77
N CYS B 146 -25.61 14.83 -7.01
CA CYS B 146 -24.35 14.08 -6.77
C CYS B 146 -24.75 12.76 -6.08
N THR B 147 -25.31 12.87 -4.86
CA THR B 147 -25.76 11.76 -4.00
C THR B 147 -26.69 10.82 -4.78
N TYR B 148 -27.69 11.37 -5.47
CA TYR B 148 -28.73 10.58 -6.17
C TYR B 148 -28.09 9.70 -7.24
N GLN B 149 -27.08 10.24 -7.92
CA GLN B 149 -26.36 9.53 -9.01
C GLN B 149 -25.58 8.35 -8.41
N LEU B 150 -24.95 8.56 -7.26
CA LEU B 150 -24.11 7.54 -6.58
C LEU B 150 -25.02 6.47 -5.97
N ALA B 151 -26.10 6.88 -5.30
CA ALA B 151 -27.15 6.00 -4.73
C ALA B 151 -27.64 5.04 -5.81
N ARG B 152 -27.85 5.56 -7.03
CA ARG B 152 -28.40 4.83 -8.21
C ARG B 152 -27.36 3.80 -8.71
N GLY B 153 -26.07 4.17 -8.70
CA GLY B 153 -24.96 3.27 -9.04
C GLY B 153 -24.84 2.12 -8.04
N MET B 154 -24.89 2.43 -6.76
CA MET B 154 -24.85 1.42 -5.66
C MET B 154 -26.09 0.53 -5.74
N GLU B 155 -27.27 1.10 -6.01
CA GLU B 155 -28.50 0.30 -6.22
C GLU B 155 -28.20 -0.74 -7.30
N TYR B 156 -27.60 -0.34 -8.41
CA TYR B 156 -27.23 -1.24 -9.54
C TYR B 156 -26.26 -2.32 -9.04
N LEU B 157 -25.22 -1.93 -8.31
CA LEU B 157 -24.15 -2.87 -7.82
C LEU B 157 -24.76 -3.88 -6.85
N ALA B 158 -25.57 -3.44 -5.88
CA ALA B 158 -26.31 -4.33 -4.97
C ALA B 158 -27.16 -5.32 -5.77
N SER B 159 -27.80 -4.86 -6.86
CA SER B 159 -28.67 -5.72 -7.72
C SER B 159 -27.81 -6.67 -8.57
N GLN B 160 -26.52 -6.38 -8.73
CA GLN B 160 -25.60 -7.22 -9.52
C GLN B 160 -24.81 -8.14 -8.58
N LYS B 161 -25.13 -8.08 -7.27
CA LYS B 161 -24.60 -8.99 -6.23
C LYS B 161 -23.13 -8.61 -5.94
N CYS B 162 -22.81 -7.33 -6.10
CA CYS B 162 -21.49 -6.72 -5.81
C CYS B 162 -21.57 -5.93 -4.50
N ILE B 163 -20.66 -6.22 -3.56
CA ILE B 163 -20.32 -5.36 -2.39
C ILE B 163 -19.03 -4.63 -2.75
N HIS B 164 -19.01 -3.31 -2.59
CA HIS B 164 -17.90 -2.47 -3.10
C HIS B 164 -16.86 -2.43 -1.97
N ARG B 165 -17.31 -2.08 -0.76
CA ARG B 165 -16.54 -2.16 0.51
C ARG B 165 -15.55 -1.00 0.63
N ASP B 166 -15.43 -0.13 -0.37
CA ASP B 166 -14.49 1.04 -0.33
C ASP B 166 -15.17 2.27 -0.93
N LEU B 167 -16.41 2.56 -0.52
CA LEU B 167 -17.11 3.81 -0.88
C LEU B 167 -16.43 4.95 -0.15
N ALA B 168 -16.10 6.01 -0.89
CA ALA B 168 -15.50 7.25 -0.37
C ALA B 168 -15.37 8.26 -1.53
N ALA B 169 -15.26 9.54 -1.19
CA ALA B 169 -15.19 10.67 -2.14
C ALA B 169 -14.02 10.43 -3.12
N ARG B 170 -12.86 10.03 -2.58
CA ARG B 170 -11.64 9.74 -3.37
C ARG B 170 -11.87 8.60 -4.37
N ASN B 171 -12.91 7.76 -4.18
CA ASN B 171 -13.15 6.54 -4.99
C ASN B 171 -14.35 6.77 -5.93
N VAL B 172 -14.74 8.02 -6.11
CA VAL B 172 -15.74 8.45 -7.12
C VAL B 172 -15.00 9.34 -8.13
N LEU B 173 -15.29 9.14 -9.42
CA LEU B 173 -14.69 9.89 -10.56
C LEU B 173 -15.81 10.63 -11.31
N VAL B 174 -15.48 11.79 -11.90
CA VAL B 174 -16.44 12.74 -12.53
C VAL B 174 -16.06 12.94 -14.00
N THR B 175 -16.94 12.62 -14.95
CA THR B 175 -16.70 12.78 -16.41
C THR B 175 -16.60 14.28 -16.77
N GLU B 176 -16.40 14.57 -18.06
CA GLU B 176 -16.45 15.92 -18.67
C GLU B 176 -17.84 16.55 -18.46
N ASN B 177 -18.89 15.71 -18.33
CA ASN B 177 -20.31 16.15 -18.27
C ASN B 177 -20.85 16.06 -16.83
N ASN B 178 -19.99 16.21 -15.82
CA ASN B 178 -20.35 16.16 -14.37
C ASN B 178 -21.17 14.90 -14.01
N VAL B 179 -20.92 13.77 -14.68
CA VAL B 179 -21.57 12.46 -14.42
C VAL B 179 -20.76 11.74 -13.33
N MET B 180 -21.38 11.42 -12.20
CA MET B 180 -20.73 10.77 -11.03
C MET B 180 -20.54 9.27 -11.33
N LYS B 181 -19.34 8.74 -11.11
CA LYS B 181 -18.97 7.33 -11.45
C LYS B 181 -18.23 6.69 -10.28
N ILE B 182 -18.81 5.60 -9.73
CA ILE B 182 -18.18 4.80 -8.65
C ILE B 182 -16.92 4.15 -9.25
N ALA B 183 -15.78 4.28 -8.57
CA ALA B 183 -14.47 3.77 -9.04
C ALA B 183 -13.84 2.87 -7.98
N ASP B 184 -12.67 2.31 -8.33
CA ASP B 184 -11.74 1.54 -7.49
C ASP B 184 -12.45 0.30 -6.94
N PHE B 185 -12.59 -0.73 -7.79
CA PHE B 185 -13.15 -2.07 -7.45
C PHE B 185 -12.09 -3.02 -6.87
N GLY B 186 -10.95 -2.48 -6.41
CA GLY B 186 -9.85 -3.22 -5.75
C GLY B 186 -10.33 -4.11 -4.62
N LEU B 187 -11.25 -3.63 -3.79
CA LEU B 187 -11.74 -4.36 -2.58
C LEU B 187 -13.14 -4.95 -2.82
N ALA B 188 -13.73 -4.75 -3.99
CA ALA B 188 -15.11 -5.20 -4.32
C ALA B 188 -15.12 -6.72 -4.48
N ARG B 189 -16.26 -7.35 -4.15
CA ARG B 189 -16.44 -8.81 -4.24
C ARG B 189 -17.85 -9.14 -4.74
N ASP B 190 -17.99 -10.15 -5.59
CA ASP B 190 -19.25 -10.91 -5.69
C ASP B 190 -19.61 -11.28 -4.25
N ILE B 191 -20.88 -11.22 -3.89
CA ILE B 191 -21.39 -11.48 -2.52
C ILE B 191 -20.87 -12.84 -2.04
N ASN B 192 -20.71 -13.82 -2.93
CA ASN B 192 -20.30 -15.21 -2.52
C ASN B 192 -18.78 -15.33 -2.33
N ASN B 193 -17.99 -14.31 -2.67
CA ASN B 193 -16.51 -14.41 -2.74
C ASN B 193 -15.90 -13.66 -1.55
N ILE B 194 -16.36 -13.96 -0.34
CA ILE B 194 -15.84 -13.38 0.93
C ILE B 194 -16.20 -14.34 2.07
N ASP B 195 -15.28 -14.60 2.99
CA ASP B 195 -15.52 -15.54 4.12
C ASP B 195 -16.05 -14.78 5.34
N TYR B 196 -17.34 -14.92 5.62
CA TYR B 196 -17.99 -14.38 6.84
C TYR B 196 -17.40 -15.06 8.08
N TYR B 197 -17.36 -14.35 9.20
CA TYR B 197 -17.01 -14.88 10.55
C TYR B 197 -15.56 -15.40 10.54
N LYS B 198 -14.67 -14.67 9.88
CA LYS B 198 -13.21 -14.98 9.84
C LYS B 198 -12.49 -13.71 10.29
N LYS B 199 -11.64 -13.81 11.31
CA LYS B 199 -10.94 -12.66 11.94
C LYS B 199 -10.24 -11.83 10.85
N THR B 200 -9.74 -12.46 9.79
CA THR B 200 -8.92 -11.83 8.72
C THR B 200 -9.80 -11.05 7.73
N THR B 201 -11.12 -11.27 7.71
CA THR B 201 -12.07 -10.61 6.75
C THR B 201 -12.30 -9.15 7.13
N ASN B 202 -12.25 -8.26 6.12
CA ASN B 202 -12.50 -6.79 6.20
C ASN B 202 -11.35 -6.04 6.91
N GLY B 203 -10.19 -6.67 7.08
CA GLY B 203 -9.00 -6.09 7.73
C GLY B 203 -8.38 -4.96 6.91
N ARG B 204 -8.78 -4.78 5.64
CA ARG B 204 -8.13 -3.86 4.68
C ARG B 204 -9.10 -2.76 4.25
N LEU B 205 -10.19 -2.56 4.99
CA LEU B 205 -11.16 -1.49 4.69
C LEU B 205 -10.82 -0.27 5.54
N PRO B 206 -10.77 0.95 4.94
CA PRO B 206 -10.49 2.17 5.70
C PRO B 206 -11.52 2.35 6.82
N VAL B 207 -11.03 2.50 8.04
CA VAL B 207 -11.82 2.34 9.29
C VAL B 207 -12.87 3.45 9.37
N LYS B 208 -12.57 4.65 8.87
CA LYS B 208 -13.44 5.85 9.06
C LYS B 208 -14.65 5.78 8.12
N TRP B 209 -14.64 4.89 7.13
CA TRP B 209 -15.79 4.69 6.19
C TRP B 209 -16.53 3.37 6.46
N MET B 210 -16.20 2.64 7.52
CA MET B 210 -16.49 1.18 7.63
C MET B 210 -17.68 0.94 8.57
N ALA B 211 -18.72 0.24 8.10
CA ALA B 211 -19.83 -0.25 8.97
C ALA B 211 -19.23 -1.03 10.13
N PRO B 212 -19.65 -0.78 11.38
CA PRO B 212 -19.06 -1.49 12.51
C PRO B 212 -19.15 -3.01 12.41
N GLU B 213 -20.24 -3.54 11.84
CA GLU B 213 -20.49 -5.02 11.79
C GLU B 213 -19.41 -5.68 10.93
N ALA B 214 -18.84 -4.96 9.96
CA ALA B 214 -17.76 -5.49 9.09
C ALA B 214 -16.60 -5.97 9.95
N LEU B 215 -16.33 -5.29 11.08
CA LEU B 215 -15.24 -5.61 12.03
C LEU B 215 -15.74 -6.54 13.14
N PHE B 216 -16.87 -6.23 13.78
CA PHE B 216 -17.34 -6.93 15.00
C PHE B 216 -17.91 -8.31 14.65
N ASP B 217 -18.66 -8.41 13.53
CA ASP B 217 -19.31 -9.67 13.06
C ASP B 217 -18.52 -10.30 11.90
N ARG B 218 -17.66 -9.58 11.18
CA ARG B 218 -16.89 -10.09 10.02
C ARG B 218 -17.88 -10.58 8.97
N VAL B 219 -18.96 -9.83 8.78
CA VAL B 219 -19.90 -9.98 7.63
C VAL B 219 -19.74 -8.73 6.79
N TYR B 220 -20.23 -8.76 5.56
CA TYR B 220 -20.34 -7.56 4.74
C TYR B 220 -21.52 -7.80 3.79
N THR B 221 -22.50 -6.91 3.89
CA THR B 221 -23.78 -6.95 3.15
C THR B 221 -23.89 -5.62 2.39
N HIS B 222 -24.88 -5.53 1.50
CA HIS B 222 -25.25 -4.26 0.82
C HIS B 222 -25.49 -3.17 1.89
N GLN B 223 -26.04 -3.53 3.05
CA GLN B 223 -26.30 -2.64 4.21
C GLN B 223 -24.99 -2.12 4.85
N SER B 224 -23.86 -2.82 4.70
CA SER B 224 -22.54 -2.34 5.19
C SER B 224 -22.05 -1.21 4.27
N ASP B 225 -22.28 -1.34 2.96
CA ASP B 225 -21.98 -0.28 1.97
C ASP B 225 -22.82 0.97 2.30
N VAL B 226 -24.08 0.77 2.70
CA VAL B 226 -25.01 1.87 3.04
C VAL B 226 -24.34 2.75 4.09
N TRP B 227 -23.76 2.15 5.13
CA TRP B 227 -23.08 2.92 6.20
C TRP B 227 -21.97 3.77 5.59
N SER B 228 -21.21 3.23 4.63
CA SER B 228 -20.11 3.95 3.92
C SER B 228 -20.72 5.05 3.03
N PHE B 229 -21.82 4.76 2.34
CA PHE B 229 -22.55 5.72 1.49
C PHE B 229 -22.99 6.94 2.32
N GLY B 230 -23.31 6.73 3.61
CA GLY B 230 -23.63 7.81 4.56
C GLY B 230 -22.43 8.70 4.83
N VAL B 231 -21.22 8.13 4.92
CA VAL B 231 -19.97 8.92 5.13
C VAL B 231 -19.60 9.60 3.81
N LEU B 232 -19.76 8.91 2.68
CA LEU B 232 -19.64 9.53 1.34
C LEU B 232 -20.51 10.80 1.34
N MET B 233 -21.80 10.69 1.69
CA MET B 233 -22.78 11.80 1.68
C MET B 233 -22.22 12.98 2.48
N TRP B 234 -21.89 12.76 3.77
CA TRP B 234 -21.27 13.77 4.67
C TRP B 234 -20.12 14.46 3.93
N GLU B 235 -19.21 13.67 3.32
CA GLU B 235 -18.10 14.18 2.48
C GLU B 235 -18.66 15.18 1.46
N ILE B 236 -19.63 14.76 0.65
CA ILE B 236 -20.29 15.58 -0.42
C ILE B 236 -20.83 16.90 0.16
N PHE B 237 -21.49 16.87 1.32
CA PHE B 237 -22.20 18.06 1.88
C PHE B 237 -21.26 18.89 2.77
N THR B 238 -20.03 18.43 3.04
CA THR B 238 -18.94 19.26 3.63
C THR B 238 -18.06 19.79 2.49
N LEU B 239 -18.39 19.42 1.25
CA LEU B 239 -17.61 19.73 0.01
C LEU B 239 -16.15 19.30 0.21
N GLY B 240 -15.93 18.00 0.45
CA GLY B 240 -14.60 17.36 0.49
C GLY B 240 -14.01 17.35 1.89
N GLY B 241 -14.87 17.41 2.92
CA GLY B 241 -14.41 17.31 4.32
C GLY B 241 -13.80 15.95 4.67
N SER B 242 -12.88 15.93 5.64
CA SER B 242 -12.22 14.74 6.23
C SER B 242 -13.10 14.13 7.31
N PRO B 243 -13.64 12.91 7.14
CA PRO B 243 -14.52 12.32 8.15
C PRO B 243 -13.90 12.31 9.55
N TYR B 244 -14.75 12.48 10.57
CA TYR B 244 -14.40 12.57 12.02
C TYR B 244 -13.12 13.41 12.17
N PRO B 245 -13.14 14.70 11.79
CA PRO B 245 -11.94 15.54 11.87
C PRO B 245 -11.45 15.63 13.32
N GLY B 246 -10.16 15.37 13.56
CA GLY B 246 -9.55 15.38 14.90
C GLY B 246 -9.52 14.00 15.54
N ILE B 247 -10.34 13.04 15.09
CA ILE B 247 -10.47 11.71 15.78
C ILE B 247 -9.38 10.78 15.26
N PRO B 248 -8.49 10.26 16.15
CA PRO B 248 -7.56 9.23 15.76
C PRO B 248 -8.37 7.99 15.34
N VAL B 249 -7.94 7.29 14.28
CA VAL B 249 -8.58 6.03 13.82
C VAL B 249 -8.67 5.06 15.01
N GLU B 250 -7.63 5.07 15.86
CA GLU B 250 -7.48 4.20 17.07
C GLU B 250 -8.57 4.46 18.13
N GLU B 251 -9.28 5.59 18.06
CA GLU B 251 -10.23 6.00 19.12
C GLU B 251 -11.66 6.01 18.55
N LEU B 252 -11.85 5.59 17.30
CA LEU B 252 -13.11 5.82 16.56
C LEU B 252 -14.21 4.88 17.04
N PHE B 253 -13.89 3.61 17.30
CA PHE B 253 -14.92 2.55 17.48
C PHE B 253 -15.55 2.66 18.87
N LYS B 254 -14.74 2.86 19.92
CA LYS B 254 -15.20 3.24 21.28
C LYS B 254 -16.20 4.40 21.19
N LEU B 255 -15.96 5.38 20.32
CA LEU B 255 -16.81 6.59 20.16
C LEU B 255 -18.14 6.21 19.51
N LEU B 256 -18.09 5.57 18.34
CA LEU B 256 -19.29 5.10 17.58
C LEU B 256 -20.18 4.23 18.49
N LYS B 257 -19.56 3.41 19.35
CA LYS B 257 -20.21 2.46 20.29
C LYS B 257 -21.01 3.25 21.36
N GLU B 258 -20.53 4.43 21.75
CA GLU B 258 -21.16 5.36 22.74
C GLU B 258 -22.20 6.24 22.06
N GLY B 259 -22.30 6.19 20.72
CA GLY B 259 -23.36 6.87 19.93
C GLY B 259 -22.89 8.14 19.25
N HIS B 260 -21.59 8.48 19.34
CA HIS B 260 -20.98 9.63 18.60
C HIS B 260 -21.24 9.44 17.10
N ARG B 261 -21.67 10.50 16.43
CA ARG B 261 -21.85 10.57 14.96
C ARG B 261 -21.35 11.94 14.50
N MET B 262 -21.07 12.08 13.20
CA MET B 262 -20.64 13.37 12.62
C MET B 262 -21.84 14.34 12.66
N ASP B 263 -21.55 15.63 12.83
CA ASP B 263 -22.56 16.72 13.02
C ASP B 263 -23.07 17.15 11.64
N LYS B 264 -24.21 17.83 11.58
CA LYS B 264 -24.80 18.37 10.33
C LYS B 264 -23.77 19.26 9.64
N PRO B 265 -23.50 19.06 8.33
CA PRO B 265 -22.77 20.04 7.53
C PRO B 265 -23.57 21.34 7.35
N ALA B 266 -22.89 22.47 7.19
CA ALA B 266 -23.47 23.84 7.26
C ALA B 266 -24.64 24.01 6.27
N ASN B 267 -24.45 23.68 4.99
CA ASN B 267 -25.41 24.00 3.90
C ASN B 267 -26.35 22.81 3.65
N CYS B 268 -26.73 22.09 4.71
CA CYS B 268 -27.43 20.77 4.63
C CYS B 268 -28.80 20.84 5.32
N THR B 269 -29.88 20.51 4.61
CA THR B 269 -31.25 20.39 5.18
C THR B 269 -31.22 19.36 6.32
N ASN B 270 -32.13 19.48 7.29
CA ASN B 270 -32.29 18.48 8.39
C ASN B 270 -32.69 17.14 7.76
N GLU B 271 -33.45 17.17 6.65
CA GLU B 271 -33.91 15.97 5.90
C GLU B 271 -32.71 15.14 5.45
N LEU B 272 -31.76 15.77 4.73
CA LEU B 272 -30.56 15.11 4.16
C LEU B 272 -29.65 14.58 5.27
N TYR B 273 -29.52 15.28 6.40
CA TYR B 273 -28.70 14.84 7.58
C TYR B 273 -29.34 13.65 8.30
N MET B 274 -30.67 13.55 8.30
CA MET B 274 -31.40 12.37 8.85
C MET B 274 -31.12 11.17 7.92
N MET B 275 -31.23 11.36 6.61
CA MET B 275 -30.82 10.35 5.60
C MET B 275 -29.41 9.82 5.93
N MET B 276 -28.44 10.69 6.24
CA MET B 276 -27.05 10.32 6.62
C MET B 276 -27.06 9.51 7.92
N ARG B 277 -27.78 10.00 8.91
CA ARG B 277 -27.81 9.41 10.27
C ARG B 277 -28.52 8.06 10.21
N ASP B 278 -29.43 7.89 9.25
CA ASP B 278 -30.16 6.62 8.99
C ASP B 278 -29.16 5.60 8.45
N CYS B 279 -28.30 6.02 7.51
CA CYS B 279 -27.18 5.22 6.97
C CYS B 279 -26.27 4.75 8.12
N TRP B 280 -26.19 5.48 9.25
CA TRP B 280 -25.24 5.20 10.36
C TRP B 280 -25.91 4.56 11.58
N HIS B 281 -27.07 3.92 11.41
CA HIS B 281 -27.70 3.11 12.49
C HIS B 281 -26.75 1.94 12.85
N ALA B 282 -26.56 1.68 14.14
CA ALA B 282 -25.73 0.55 14.64
C ALA B 282 -26.22 -0.78 14.02
N VAL B 283 -27.54 -0.94 13.92
CA VAL B 283 -28.25 -2.16 13.40
C VAL B 283 -28.41 -2.03 11.89
N PRO B 284 -27.75 -2.91 11.09
CA PRO B 284 -27.82 -2.86 9.64
C PRO B 284 -29.23 -2.99 9.04
N SER B 285 -30.10 -3.76 9.70
CA SER B 285 -31.50 -4.01 9.27
C SER B 285 -32.40 -2.81 9.59
N GLN B 286 -31.86 -1.75 10.20
CA GLN B 286 -32.55 -0.46 10.49
C GLN B 286 -32.10 0.65 9.52
N ARG B 287 -30.96 0.46 8.83
CA ARG B 287 -30.45 1.36 7.77
C ARG B 287 -31.35 1.23 6.57
N PRO B 288 -31.45 2.26 5.70
CA PRO B 288 -32.19 2.14 4.45
C PRO B 288 -31.46 1.22 3.46
N THR B 289 -32.20 0.61 2.54
CA THR B 289 -31.64 -0.06 1.34
C THR B 289 -31.29 1.00 0.30
N PHE B 290 -30.47 0.65 -0.68
CA PHE B 290 -30.09 1.54 -1.80
C PHE B 290 -31.36 1.89 -2.61
N LYS B 291 -32.27 0.93 -2.74
CA LYS B 291 -33.59 1.09 -3.41
C LYS B 291 -34.37 2.21 -2.69
N GLN B 292 -34.33 2.23 -1.35
CA GLN B 292 -35.00 3.25 -0.49
C GLN B 292 -34.33 4.61 -0.71
N LEU B 293 -33.00 4.68 -0.64
CA LEU B 293 -32.22 5.94 -0.79
C LEU B 293 -32.52 6.55 -2.15
N VAL B 294 -32.49 5.74 -3.22
CA VAL B 294 -32.76 6.21 -4.60
C VAL B 294 -34.15 6.87 -4.64
N GLU B 295 -35.18 6.18 -4.16
CA GLU B 295 -36.60 6.64 -4.21
C GLU B 295 -36.75 7.93 -3.39
N ASP B 296 -36.10 8.00 -2.22
CA ASP B 296 -36.17 9.17 -1.29
C ASP B 296 -35.34 10.35 -1.83
N LEU B 297 -34.29 10.10 -2.61
CA LEU B 297 -33.45 11.17 -3.21
C LEU B 297 -34.16 11.72 -4.45
N ASP B 298 -34.88 10.86 -5.18
CA ASP B 298 -35.68 11.21 -6.38
C ASP B 298 -36.90 12.08 -6.01
N ARG B 299 -37.43 11.93 -4.79
CA ARG B 299 -38.56 12.77 -4.26
C ARG B 299 -38.01 14.15 -3.88
N ILE B 300 -36.80 14.20 -3.32
CA ILE B 300 -36.20 15.46 -2.79
C ILE B 300 -35.81 16.39 -3.95
N LEU B 301 -35.25 15.87 -5.05
CA LEU B 301 -34.86 16.72 -6.22
C LEU B 301 -36.03 16.87 -7.20
N THR B 302 -37.25 16.50 -6.76
CA THR B 302 -38.52 16.65 -7.52
C THR B 302 -39.55 17.41 -6.67
O1 47I C . 8.33 1.47 9.22
C18 47I C . 9.10 2.43 9.01
C23 47I C . 10.00 2.85 9.98
C22 47I C . 10.84 3.94 9.75
C21 47I C . 10.78 4.64 8.55
C20 47I C . 9.88 4.19 7.58
C19 47I C . 9.04 3.10 7.80
C2 47I C . 11.68 5.83 8.27
C3 47I C . 11.56 6.51 7.04
C4 47I C . 12.36 7.60 6.74
C6 47I C . 13.30 8.04 7.67
C7 47I C . 13.42 7.39 8.90
N2 47I C . 14.40 8.01 9.55
N1 47I C . 14.88 9.08 8.79
C1 47I C . 12.62 6.28 9.20
C5 47I C . 14.22 9.11 7.62
C11 47I C . 14.50 10.04 6.60
C10 47I C . 15.46 11.01 6.88
C9 47I C . 15.78 11.97 5.93
C12 47I C . 13.86 10.09 5.36
C13 47I C . 14.17 11.06 4.42
C8 47I C . 15.15 12.00 4.70
N3 47I C . 15.50 12.99 3.79
C15 47I C . 15.46 14.39 4.23
C16 47I C . 15.89 12.65 2.44
C17 47I C . 16.87 13.76 2.01
N4 47I C . 16.27 15.12 2.01
C14 47I C . 15.19 15.27 3.01
H21 47I C . 10.07 2.31 10.93
H20 47I C . 11.54 4.23 10.52
H19 47I C . 9.78 4.71 6.64
H18 47I C . 8.32 2.81 7.04
H2 47I C . 10.87 6.16 6.29
H3 47I C . 12.25 8.06 5.77
H4 47I C . 14.80 7.92 10.51
H1 47I C . 12.74 5.81 10.17
H6 47I C . 16.01 10.99 7.81
H5 47I C . 16.56 12.67 6.15
H7 47I C . 13.07 9.41 5.11
H8 47I C . 13.65 11.09 3.47
H12 47I C . 14.68 14.52 4.97
H11 47I C . 16.41 14.66 4.68
H14 47I C . 16.38 11.68 2.41
H13 47I C . 15.02 12.63 1.78
H15 47I C . 17.23 13.53 1.01
H16 47I C . 17.73 13.74 2.67
H17 47I C . 15.88 15.31 1.08
H9 47I C . 14.23 14.99 2.56
H10 47I C . 15.12 16.30 3.33
H23 47I C . 17.01 15.81 2.21
S SO4 D . 2.14 -11.92 5.77
O1 SO4 D . 2.86 -12.10 4.53
O2 SO4 D . 0.84 -12.54 5.68
O3 SO4 D . 1.98 -10.52 6.02
O4 SO4 D . 2.87 -12.53 6.84
O1 47I E . -8.34 0.44 -9.13
C18 47I E . -8.43 1.51 -9.77
C23 47I E . -7.85 2.65 -9.26
C22 47I E . -7.96 3.84 -9.96
C21 47I E . -8.64 3.90 -11.19
C20 47I E . -9.18 2.74 -11.68
C19 47I E . -9.10 1.55 -10.97
C2 47I E . -8.73 5.20 -11.94
C3 47I E . -8.13 6.33 -11.40
C4 47I E . -8.19 7.55 -12.04
C6 47I E . -8.86 7.69 -13.25
C7 47I E . -9.45 6.58 -13.82
N2 47I E . -10.02 7.01 -14.95
N1 47I E . -9.78 8.38 -15.13
C1 47I E . -9.40 5.34 -13.18
C5 47I E . -9.05 8.82 -14.08
C11 47I E . -8.61 10.16 -13.92
C10 47I E . -8.95 11.09 -14.92
C9 47I E . -8.56 12.41 -14.81
C12 47I E . -7.87 10.63 -12.83
C13 47I E . -7.48 11.96 -12.72
C8 47I E . -7.82 12.88 -13.73
N3 47I E . -7.40 14.23 -13.63
C15 47I E . -7.20 15.06 -14.83
C16 47I E . -7.07 14.81 -12.33
C17 47I E . -6.94 16.34 -12.50
N4 47I E . -5.92 16.70 -13.51
C14 47I E . -5.85 15.76 -14.65
H21 47I E . -7.32 2.62 -8.32
H20 47I E . -7.48 4.70 -9.54
H19 47I E . -9.74 2.74 -12.60
H18 47I E . -9.56 0.67 -11.38
H2 47I E . -7.61 6.29 -10.46
H3 47I E . -7.71 8.39 -11.56
H4 47I E . -10.55 6.54 -15.70
H1 47I E . -9.89 4.49 -13.63
H6 47I E . -9.52 10.78 -15.78
H5 47I E . -8.84 13.10 -15.61
H7 47I E . -7.58 9.97 -12.03
H8 47I E . -6.91 12.27 -11.87
H12 47I E . -7.16 14.45 -15.74
H11 47I E . -8.00 15.79 -14.93
H14 47I E . -7.85 14.59 -11.61
H13 47I E . -6.12 14.41 -11.96
H15 47I E . -6.67 16.77 -11.53
H16 47I E . -7.90 16.75 -12.79
H17 47I E . -4.99 16.71 -13.05
H9 47I E . -5.08 15.02 -14.48
H10 47I E . -5.61 16.31 -15.56
H23 47I E . -6.13 17.65 -13.87
S SO4 F . -10.02 -8.40 2.92
O1 SO4 F . -11.20 -9.21 3.22
O2 SO4 F . -9.95 -8.13 1.51
O3 SO4 F . -10.09 -7.15 3.66
O4 SO4 F . -8.84 -9.09 3.32
C1 EDO G . -15.06 -11.45 -7.58
O1 EDO G . -15.43 -11.49 -6.23
C2 EDO G . -13.95 -10.49 -7.81
O2 EDO G . -12.68 -11.01 -7.48
H11 EDO G . -15.83 -11.18 -8.11
H12 EDO G . -14.79 -12.34 -7.86
HO1 EDO G . -16.05 -12.05 -6.11
H21 EDO G . -14.11 -9.68 -7.27
H22 EDO G . -13.95 -10.24 -8.75
HO2 EDO G . -12.77 -11.66 -6.94
#